data_1M0E
#
_entry.id   1M0E
#
_cell.length_a   96.19
_cell.length_b   96.19
_cell.length_c   315.75
_cell.angle_alpha   90.0
_cell.angle_beta   90.0
_cell.angle_gamma   120.0
#
_symmetry.space_group_name_H-M   'H 3 2'
#
loop_
_entity.id
_entity.type
_entity.pdbx_description
1 polymer "5'-D(P*CP*CP*AP*TP*GP*CP*GP*CP*TP*GP*AP*C)-3'"
2 polymer "5'-D(P*GP*TP*CP*AP*GP*(Z)P*GP*CP*AP*TP*GP*G)-3'"
3 polymer 'Modification methylase HhaI'
4 non-polymer S-ADENOSYL-L-HOMOCYSTEINE
5 water water
#
loop_
_entity_poly.entity_id
_entity_poly.type
_entity_poly.pdbx_seq_one_letter_code
_entity_poly.pdbx_strand_id
1 'polydeoxyribonucleotide' (DC)(DC)(DA)(DT)(DG)(DC)(DG)(DC)(DT)(DG)(DA)(DC) C
2 'polydeoxyribonucleotide' (DG)(DT)(DC)(DA)(DG)(Z)(DG)(DC)(DA)(DT)(DG)(DG) D
3 'polypeptide(L)'
;MIEIKDKQLTGLRFIDLFAGLGGFRLALESCGAECVYSNEWDKYAQEVYEMNFGEKPEGDITQVNEKTIPDHDILCAGFP
CQAFSISGKQKGFEDSRGTLFFDIARIVREKKPKVVFMENVKNFASHDNGNTLEVVKNTMNELDYSFHAKVLNALDYGIP
QKRERIYMICFRNDLNIQNFQFPKPFELNTFVKDLLLPDSEVEHLVIDRKDLVMTNQEIEQTTPKTVRLGIVGKGGQGER
IYSTRGIAITLSAYGGGIFAKTGGYLVNGKTRKLHPRECARVMGYPDSYKVHPSTSQAYKQFGNSVVINVLQYIAYNIGS
SLNFKPY
;
A
#
# COMPACT_ATOMS: atom_id res chain seq x y z
N MET C 1 0.16 -12.47 -2.06
CA MET C 1 1.50 -12.32 -2.64
C MET C 1 1.79 -13.49 -3.56
N ILE C 2 2.93 -13.44 -4.25
CA ILE C 2 3.34 -14.46 -5.18
C ILE C 2 4.69 -15.06 -4.80
N GLU C 3 5.07 -16.15 -5.46
CA GLU C 3 6.35 -16.80 -5.17
C GLU C 3 7.46 -16.20 -6.02
N ILE C 4 8.56 -15.88 -5.37
CA ILE C 4 9.67 -15.30 -6.07
C ILE C 4 10.81 -16.31 -6.08
N LYS C 5 11.12 -16.82 -7.27
CA LYS C 5 12.21 -17.81 -7.45
C LYS C 5 13.60 -17.22 -7.30
N ASP C 6 13.96 -16.26 -8.15
CA ASP C 6 15.26 -15.62 -8.05
C ASP C 6 15.22 -14.53 -6.99
N LYS C 7 15.86 -14.77 -5.85
CA LYS C 7 15.89 -13.79 -4.78
C LYS C 7 16.88 -12.67 -5.17
N GLN C 8 16.43 -11.75 -6.01
CA GLN C 8 17.24 -10.63 -6.49
C GLN C 8 17.88 -9.76 -5.40
N LEU C 9 17.20 -9.64 -4.26
CA LEU C 9 17.68 -8.78 -3.20
C LEU C 9 18.46 -9.51 -2.12
N THR C 10 18.82 -10.75 -2.39
CA THR C 10 19.60 -11.51 -1.42
C THR C 10 20.86 -10.72 -1.06
N GLY C 11 21.17 -10.64 0.23
CA GLY C 11 22.36 -9.94 0.66
C GLY C 11 22.18 -8.46 0.89
N LEU C 12 20.99 -7.94 0.59
CA LEU C 12 20.72 -6.51 0.76
C LEU C 12 19.95 -6.22 2.05
N ARG C 13 20.36 -5.17 2.75
CA ARG C 13 19.71 -4.78 3.98
C ARG C 13 18.76 -3.63 3.66
N PHE C 14 17.63 -3.56 4.35
CA PHE C 14 16.68 -2.49 4.14
C PHE C 14 16.03 -2.06 5.45
N ILE C 15 15.47 -0.85 5.49
CA ILE C 15 14.77 -0.37 6.68
C ILE C 15 13.31 -0.13 6.30
N ASP C 16 12.43 -0.41 7.25
CA ASP C 16 11.00 -0.34 7.08
C ASP C 16 10.40 0.88 7.82
N LEU C 17 10.52 2.07 7.24
CA LEU C 17 9.95 3.25 7.88
C LEU C 17 8.43 3.28 7.68
N PHE C 18 7.72 3.90 8.62
CA PHE C 18 6.26 4.03 8.62
C PHE C 18 5.71 2.64 8.35
N ALA C 19 6.33 1.69 9.03
CA ALA C 19 6.07 0.27 8.89
C ALA C 19 4.67 -0.21 8.73
N GLY C 20 3.77 0.32 9.53
CA GLY C 20 2.38 -0.11 9.48
C GLY C 20 2.35 -1.61 9.70
N LEU C 21 1.74 -2.32 8.76
CA LEU C 21 1.64 -3.78 8.83
C LEU C 21 2.90 -4.50 8.38
N GLY C 22 3.81 -3.80 7.70
CA GLY C 22 5.03 -4.43 7.23
C GLY C 22 4.96 -4.95 5.79
N GLY C 23 4.10 -4.34 4.96
CA GLY C 23 3.96 -4.73 3.57
C GLY C 23 5.29 -4.72 2.83
N PHE C 24 6.07 -3.65 3.00
CA PHE C 24 7.37 -3.53 2.36
C PHE C 24 8.28 -4.66 2.86
N ARG C 25 8.09 -5.08 4.10
CA ARG C 25 8.88 -6.17 4.67
C ARG C 25 8.53 -7.49 3.97
N LEU C 26 7.25 -7.78 3.82
CA LEU C 26 6.82 -9.00 3.13
C LEU C 26 7.40 -8.99 1.69
N ALA C 27 7.23 -7.87 1.01
CA ALA C 27 7.72 -7.71 -0.34
C ALA C 27 9.24 -7.86 -0.47
N LEU C 28 10.04 -7.08 0.26
CA LEU C 28 11.49 -7.21 0.09
C LEU C 28 12.07 -8.52 0.63
N GLU C 29 11.52 -9.06 1.71
CA GLU C 29 11.99 -10.34 2.24
C GLU C 29 11.76 -11.47 1.26
N SER C 30 10.61 -11.44 0.59
CA SER C 30 10.28 -12.47 -0.39
C SER C 30 11.31 -12.47 -1.53
N CYS C 31 12.10 -11.39 -1.62
CA CYS C 31 13.14 -11.27 -2.63
C CYS C 31 14.51 -11.58 -2.04
N GLY C 32 14.54 -11.94 -0.76
CA GLY C 32 15.79 -12.29 -0.13
C GLY C 32 16.50 -11.19 0.63
N ALA C 33 15.88 -10.02 0.72
CA ALA C 33 16.48 -8.90 1.45
C ALA C 33 16.23 -9.06 2.95
N GLU C 34 17.13 -8.50 3.75
CA GLU C 34 17.07 -8.58 5.20
C GLU C 34 16.69 -7.26 5.81
N CYS C 35 15.68 -7.27 6.70
CA CYS C 35 15.21 -6.06 7.38
C CYS C 35 16.05 -5.83 8.62
N VAL C 36 16.67 -4.66 8.71
CA VAL C 36 17.51 -4.35 9.84
C VAL C 36 17.02 -3.23 10.73
N TYR C 37 15.86 -2.68 10.42
CA TYR C 37 15.28 -1.59 11.21
C TYR C 37 13.83 -1.31 10.82
N SER C 38 12.99 -1.03 11.81
CA SER C 38 11.61 -0.70 11.49
C SER C 38 11.20 0.44 12.38
N ASN C 39 10.29 1.27 11.89
CA ASN C 39 9.83 2.39 12.66
C ASN C 39 8.35 2.55 12.38
N GLU C 40 7.55 2.65 13.44
CA GLU C 40 6.10 2.79 13.36
C GLU C 40 5.65 3.26 14.74
N TRP C 41 5.01 4.43 14.84
CA TRP C 41 4.60 4.93 16.16
C TRP C 41 3.23 4.49 16.73
N ASP C 42 2.29 4.05 15.88
CA ASP C 42 0.98 3.62 16.36
C ASP C 42 1.06 2.32 17.17
N LYS C 43 0.60 2.39 18.42
CA LYS C 43 0.60 1.28 19.38
C LYS C 43 0.10 -0.04 18.82
N TYR C 44 -1.08 -0.01 18.23
CA TYR C 44 -1.69 -1.20 17.67
C TYR C 44 -0.96 -1.70 16.45
N ALA C 45 -0.44 -0.79 15.64
CA ALA C 45 0.31 -1.19 14.46
C ALA C 45 1.54 -1.95 14.95
N GLN C 46 2.20 -1.41 15.98
CA GLN C 46 3.39 -2.06 16.53
C GLN C 46 3.04 -3.46 17.03
N GLU C 47 1.82 -3.62 17.55
CA GLU C 47 1.36 -4.92 18.03
C GLU C 47 1.33 -5.96 16.93
N VAL C 48 0.63 -5.67 15.82
CA VAL C 48 0.54 -6.64 14.70
C VAL C 48 1.90 -6.86 14.08
N TYR C 49 2.68 -5.80 13.97
CA TYR C 49 3.98 -5.93 13.36
C TYR C 49 4.75 -6.94 14.16
N GLU C 50 4.80 -6.73 15.48
CA GLU C 50 5.53 -7.63 16.36
C GLU C 50 4.96 -9.05 16.32
N MET C 51 3.64 -9.16 16.21
CA MET C 51 2.95 -10.44 16.14
C MET C 51 3.39 -11.22 14.92
N ASN C 52 3.69 -10.51 13.83
CA ASN C 52 4.13 -11.16 12.60
C ASN C 52 5.63 -11.18 12.36
N PHE C 53 6.38 -10.24 12.91
CA PHE C 53 7.84 -10.22 12.68
C PHE C 53 8.72 -10.37 13.93
N GLY C 54 8.09 -10.39 15.10
CA GLY C 54 8.81 -10.59 16.34
C GLY C 54 9.72 -9.48 16.80
N GLU C 55 9.28 -8.23 16.64
CA GLU C 55 10.08 -7.09 17.06
C GLU C 55 9.16 -5.89 17.01
N LYS C 56 9.37 -4.97 17.92
CA LYS C 56 8.53 -3.80 17.95
C LYS C 56 9.31 -2.69 17.25
N PRO C 57 8.66 -1.98 16.33
CA PRO C 57 9.30 -0.89 15.60
C PRO C 57 9.57 0.29 16.51
N GLU C 58 10.60 1.08 16.19
CA GLU C 58 10.91 2.26 16.97
C GLU C 58 9.74 3.26 16.82
N GLY C 59 9.62 4.22 17.73
CA GLY C 59 8.53 5.17 17.68
C GLY C 59 8.89 6.46 16.98
N ASP C 60 7.97 7.43 17.01
CA ASP C 60 8.15 8.72 16.36
C ASP C 60 9.47 8.98 15.64
N ILE C 61 9.43 8.82 14.32
CA ILE C 61 10.59 9.02 13.46
C ILE C 61 11.11 10.45 13.53
N THR C 62 10.23 11.40 13.86
CA THR C 62 10.66 12.80 13.93
C THR C 62 11.62 13.04 15.09
N GLN C 63 11.61 12.14 16.08
CA GLN C 63 12.50 12.27 17.21
C GLN C 63 13.69 11.32 17.15
N VAL C 64 13.76 10.50 16.11
CA VAL C 64 14.85 9.56 15.98
C VAL C 64 16.07 10.24 15.39
N ASN C 65 17.20 10.10 16.08
CA ASN C 65 18.44 10.69 15.62
C ASN C 65 18.95 9.92 14.42
N GLU C 66 18.83 10.53 13.25
CA GLU C 66 19.26 9.95 11.97
C GLU C 66 20.47 9.06 12.09
N LYS C 67 21.46 9.55 12.81
CA LYS C 67 22.71 8.83 12.99
C LYS C 67 22.61 7.46 13.68
N THR C 68 21.54 7.19 14.41
CA THR C 68 21.40 5.90 15.12
C THR C 68 20.91 4.73 14.28
N ILE C 69 20.35 5.04 13.11
CA ILE C 69 19.79 4.05 12.20
C ILE C 69 20.88 3.19 11.55
N PRO C 70 20.72 1.86 11.57
CA PRO C 70 21.68 0.91 11.00
C PRO C 70 21.94 1.18 9.52
N ASP C 71 23.18 0.94 9.08
CA ASP C 71 23.53 1.11 7.66
C ASP C 71 22.56 0.22 6.85
N HIS C 72 22.17 0.64 5.65
CA HIS C 72 21.26 -0.16 4.83
C HIS C 72 21.42 0.15 3.35
N ASP C 73 20.93 -0.75 2.51
CA ASP C 73 21.01 -0.60 1.07
C ASP C 73 19.76 -0.03 0.44
N ILE C 74 18.60 -0.29 1.03
CA ILE C 74 17.33 0.19 0.51
C ILE C 74 16.47 0.74 1.65
N LEU C 75 16.04 1.99 1.54
CA LEU C 75 15.18 2.60 2.52
C LEU C 75 13.78 2.46 1.99
N CYS C 76 12.89 1.84 2.75
CA CYS C 76 11.51 1.67 2.30
C CYS C 76 10.62 2.61 3.10
N ALA C 77 9.65 3.24 2.45
CA ALA C 77 8.80 4.19 3.12
C ALA C 77 7.49 4.53 2.42
N GLY C 78 6.35 4.08 2.98
CA GLY C 78 5.06 4.42 2.45
C GLY C 78 4.63 5.46 3.47
N PHE C 79 5.06 6.72 3.27
CA PHE C 79 4.77 7.79 4.23
C PHE C 79 3.31 8.24 4.26
N PRO C 80 2.88 8.90 5.34
CA PRO C 80 1.50 9.38 5.54
C PRO C 80 0.88 10.04 4.31
N CYS C 81 -0.39 9.76 4.07
CA CYS C 81 -1.04 10.28 2.90
C CYS C 81 -2.26 11.16 3.14
N GLN C 82 -2.76 11.21 4.37
CA GLN C 82 -3.96 12.00 4.67
C GLN C 82 -3.84 13.44 4.15
N ALA C 83 -2.62 13.97 4.18
CA ALA C 83 -2.36 15.35 3.75
C ALA C 83 -2.33 15.55 2.23
N PHE C 84 -2.39 14.45 1.47
CA PHE C 84 -2.32 14.50 0.01
C PHE C 84 -3.45 13.81 -0.71
N SER C 85 -4.15 12.94 0.00
CA SER C 85 -5.24 12.19 -0.58
C SER C 85 -6.32 13.07 -1.18
N ILE C 86 -6.92 12.57 -2.25
CA ILE C 86 -8.00 13.27 -2.92
C ILE C 86 -9.22 13.32 -1.96
N SER C 87 -9.25 12.40 -0.99
CA SER C 87 -10.35 12.29 -0.03
C SER C 87 -10.26 13.22 1.18
N GLY C 88 -9.14 13.90 1.34
CA GLY C 88 -8.97 14.77 2.48
C GLY C 88 -8.99 16.25 2.14
N LYS C 89 -8.39 17.03 3.02
CA LYS C 89 -8.28 18.49 2.95
C LYS C 89 -7.19 18.99 1.99
N GLN C 90 -6.17 18.17 1.76
CA GLN C 90 -5.04 18.48 0.88
C GLN C 90 -4.08 19.58 1.33
N LYS C 91 -4.02 19.81 2.64
CA LYS C 91 -3.14 20.84 3.17
C LYS C 91 -1.64 20.58 2.96
N GLY C 92 -1.30 19.41 2.41
CA GLY C 92 0.08 19.05 2.11
C GLY C 92 1.23 19.26 3.10
N PHE C 93 2.31 19.89 2.66
CA PHE C 93 3.47 20.13 3.52
C PHE C 93 3.15 21.04 4.72
N GLU C 94 1.98 21.67 4.68
CA GLU C 94 1.58 22.56 5.75
C GLU C 94 0.64 21.85 6.72
N ASP C 95 0.72 20.52 6.75
CA ASP C 95 -0.10 19.67 7.61
C ASP C 95 0.85 18.92 8.55
N SER C 96 0.45 18.77 9.80
CA SER C 96 1.21 18.08 10.84
C SER C 96 1.70 16.69 10.46
N ARG C 97 0.92 16.00 9.63
CA ARG C 97 1.23 14.66 9.17
C ARG C 97 1.61 14.72 7.67
N GLY C 98 2.03 15.88 7.20
CA GLY C 98 2.39 16.02 5.80
C GLY C 98 3.84 16.39 5.55
N THR C 99 4.63 16.45 6.62
CA THR C 99 6.03 16.81 6.49
C THR C 99 7.01 15.62 6.58
N LEU C 100 6.48 14.42 6.79
CA LEU C 100 7.32 13.23 6.93
C LEU C 100 8.34 12.99 5.82
N PHE C 101 8.05 13.44 4.61
CA PHE C 101 9.01 13.22 3.56
C PHE C 101 10.36 13.83 3.94
N PHE C 102 10.33 14.96 4.65
CA PHE C 102 11.58 15.63 5.03
C PHE C 102 12.35 14.83 6.06
N ASP C 103 11.64 14.03 6.85
CA ASP C 103 12.33 13.20 7.83
C ASP C 103 13.06 12.12 7.06
N ILE C 104 12.38 11.57 6.04
CA ILE C 104 12.95 10.54 5.19
C ILE C 104 14.21 11.12 4.57
N ALA C 105 14.08 12.32 4.01
CA ALA C 105 15.19 13.02 3.35
C ALA C 105 16.36 13.25 4.28
N ARG C 106 16.05 13.57 5.54
CA ARG C 106 17.04 13.79 6.58
C ARG C 106 17.81 12.50 6.84
N ILE C 107 17.10 11.38 6.79
CA ILE C 107 17.68 10.05 7.02
C ILE C 107 18.55 9.64 5.85
N VAL C 108 18.05 9.87 4.65
CA VAL C 108 18.80 9.54 3.44
C VAL C 108 20.09 10.35 3.36
N ARG C 109 19.99 11.63 3.68
CA ARG C 109 21.15 12.53 3.65
C ARG C 109 22.33 11.97 4.42
N GLU C 110 22.04 11.30 5.52
CA GLU C 110 23.05 10.71 6.41
C GLU C 110 23.53 9.28 6.11
N LYS C 111 22.61 8.39 5.76
CA LYS C 111 23.00 7.01 5.51
C LYS C 111 23.23 6.61 4.08
N LYS C 112 22.87 7.48 3.14
CA LYS C 112 23.05 7.23 1.70
C LYS C 112 22.80 5.78 1.23
N PRO C 113 21.55 5.27 1.37
CA PRO C 113 21.33 3.90 0.92
C PRO C 113 21.44 3.83 -0.61
N LYS C 114 21.57 2.63 -1.13
CA LYS C 114 21.64 2.50 -2.56
C LYS C 114 20.29 2.86 -3.17
N VAL C 115 19.20 2.52 -2.49
CA VAL C 115 17.87 2.79 -3.04
C VAL C 115 16.90 3.30 -1.99
N VAL C 116 16.02 4.19 -2.44
CA VAL C 116 14.97 4.78 -1.63
C VAL C 116 13.69 4.41 -2.38
N PHE C 117 12.90 3.55 -1.77
CA PHE C 117 11.65 3.03 -2.36
C PHE C 117 10.47 3.61 -1.56
N MET C 118 9.80 4.61 -2.12
CA MET C 118 8.69 5.30 -1.44
C MET C 118 7.34 5.09 -2.11
N GLU C 119 6.25 5.31 -1.38
CA GLU C 119 4.90 5.10 -1.93
C GLU C 119 3.91 6.08 -1.33
N ASN C 120 2.93 6.52 -2.11
CA ASN C 120 1.92 7.41 -1.58
C ASN C 120 0.71 7.37 -2.52
N VAL C 121 -0.38 8.03 -2.13
CA VAL C 121 -1.59 8.02 -2.93
C VAL C 121 -1.38 8.64 -4.31
N LYS C 122 -2.26 8.27 -5.24
CA LYS C 122 -2.22 8.75 -6.62
C LYS C 122 -2.26 10.27 -6.68
N ASN C 123 -3.11 10.88 -5.88
CA ASN C 123 -3.22 12.32 -5.88
C ASN C 123 -1.91 13.00 -5.49
N PHE C 124 -0.97 12.24 -4.94
CA PHE C 124 0.30 12.86 -4.54
C PHE C 124 0.96 13.45 -5.75
N ALA C 125 0.86 12.74 -6.87
CA ALA C 125 1.46 13.13 -8.14
C ALA C 125 0.95 14.44 -8.72
N SER C 126 -0.34 14.71 -8.57
CA SER C 126 -0.90 15.92 -9.11
C SER C 126 -1.13 16.99 -8.03
N HIS C 127 -0.87 16.65 -6.78
CA HIS C 127 -1.08 17.58 -5.70
C HIS C 127 -0.38 18.93 -5.82
N ASP C 128 -1.12 20.00 -5.54
CA ASP C 128 -0.59 21.36 -5.58
C ASP C 128 0.11 21.63 -6.93
N ASN C 129 -0.61 21.41 -8.02
CA ASN C 129 -0.09 21.57 -9.40
C ASN C 129 1.30 20.96 -9.58
N GLY C 130 1.46 19.73 -9.14
CA GLY C 130 2.74 19.04 -9.28
C GLY C 130 3.91 19.53 -8.45
N ASN C 131 3.76 20.61 -7.69
CA ASN C 131 4.88 21.11 -6.90
C ASN C 131 5.34 20.14 -5.82
N THR C 132 4.40 19.44 -5.21
CA THR C 132 4.71 18.49 -4.14
C THR C 132 5.65 17.43 -4.68
N LEU C 133 5.26 16.89 -5.83
CA LEU C 133 6.05 15.88 -6.50
C LEU C 133 7.39 16.48 -6.90
N GLU C 134 7.36 17.70 -7.44
CA GLU C 134 8.58 18.35 -7.87
C GLU C 134 9.51 18.51 -6.70
N VAL C 135 8.95 18.93 -5.56
CA VAL C 135 9.76 19.10 -4.37
C VAL C 135 10.50 17.82 -4.02
N VAL C 136 9.77 16.70 -4.01
CA VAL C 136 10.36 15.40 -3.72
C VAL C 136 11.45 15.08 -4.75
N LYS C 137 11.15 15.29 -6.02
CA LYS C 137 12.11 15.03 -7.09
C LYS C 137 13.40 15.81 -6.88
N ASN C 138 13.28 17.12 -6.74
CA ASN C 138 14.46 17.98 -6.53
C ASN C 138 15.21 17.62 -5.27
N THR C 139 14.48 17.31 -4.21
CA THR C 139 15.12 16.92 -2.98
C THR C 139 15.95 15.64 -3.24
N MET C 140 15.34 14.66 -3.89
CA MET C 140 16.05 13.40 -4.17
C MET C 140 17.27 13.64 -5.03
N ASN C 141 17.11 14.43 -6.08
CA ASN C 141 18.23 14.73 -6.97
C ASN C 141 19.39 15.42 -6.25
N GLU C 142 19.08 16.40 -5.39
CA GLU C 142 20.14 17.11 -4.67
C GLU C 142 20.93 16.19 -3.76
N LEU C 143 20.26 15.14 -3.28
CA LEU C 143 20.87 14.14 -2.42
C LEU C 143 21.72 13.18 -3.28
N ASP C 144 21.74 13.44 -4.59
CA ASP C 144 22.49 12.66 -5.58
C ASP C 144 21.82 11.33 -5.95
N TYR C 145 20.53 11.39 -6.26
CA TYR C 145 19.77 10.22 -6.63
C TYR C 145 18.99 10.46 -7.89
N SER C 146 18.73 9.38 -8.61
CA SER C 146 17.90 9.43 -9.81
C SER C 146 16.50 9.41 -9.20
N PHE C 147 15.49 9.77 -9.97
CA PHE C 147 14.15 9.75 -9.44
C PHE C 147 13.24 9.16 -10.50
N HIS C 148 12.69 7.97 -10.20
CA HIS C 148 11.77 7.26 -11.10
C HIS C 148 10.43 7.22 -10.38
N ALA C 149 9.39 7.77 -10.99
CA ALA C 149 8.07 7.83 -10.37
C ALA C 149 6.98 7.40 -11.34
N LYS C 150 5.98 6.69 -10.86
CA LYS C 150 4.90 6.20 -11.72
C LYS C 150 3.71 5.77 -10.88
N VAL C 151 2.51 6.05 -11.37
CA VAL C 151 1.30 5.63 -10.67
C VAL C 151 0.96 4.27 -11.23
N LEU C 152 0.80 3.29 -10.36
CA LEU C 152 0.45 1.95 -10.81
C LEU C 152 -0.86 1.57 -10.14
N ASN C 153 -1.75 0.97 -10.91
CA ASN C 153 -3.04 0.51 -10.42
C ASN C 153 -2.94 -0.97 -10.08
N ALA C 154 -3.27 -1.33 -8.84
CA ALA C 154 -3.19 -2.72 -8.40
C ALA C 154 -3.92 -3.70 -9.33
N LEU C 155 -5.00 -3.27 -9.97
CA LEU C 155 -5.72 -4.15 -10.88
C LEU C 155 -4.88 -4.65 -12.07
N ASP C 156 -3.83 -3.92 -12.42
CA ASP C 156 -2.97 -4.32 -13.53
C ASP C 156 -1.90 -5.31 -13.09
N TYR C 157 -1.86 -5.62 -11.78
CA TYR C 157 -0.83 -6.52 -11.25
C TYR C 157 -1.31 -7.75 -10.50
N GLY C 158 -2.48 -8.23 -10.90
CA GLY C 158 -3.03 -9.43 -10.32
C GLY C 158 -3.92 -9.33 -9.11
N ILE C 159 -4.15 -8.14 -8.60
CA ILE C 159 -4.98 -7.98 -7.41
C ILE C 159 -6.26 -7.24 -7.76
N PRO C 160 -7.42 -7.81 -7.43
CA PRO C 160 -8.68 -7.15 -7.75
C PRO C 160 -9.03 -5.96 -6.87
N GLN C 161 -8.26 -4.89 -6.94
CA GLN C 161 -8.59 -3.68 -6.17
C GLN C 161 -8.12 -2.53 -7.01
N LYS C 162 -8.91 -1.48 -7.15
CA LYS C 162 -8.46 -0.34 -7.93
C LYS C 162 -7.68 0.66 -7.07
N ARG C 163 -6.57 0.18 -6.49
CA ARG C 163 -5.76 1.03 -5.65
C ARG C 163 -4.69 1.63 -6.49
N GLU C 164 -4.83 2.93 -6.77
CA GLU C 164 -3.85 3.64 -7.60
C GLU C 164 -2.88 4.38 -6.71
N ARG C 165 -1.63 3.96 -6.73
CA ARG C 165 -0.62 4.59 -5.89
C ARG C 165 0.59 5.01 -6.69
N ILE C 166 1.26 6.06 -6.23
CA ILE C 166 2.45 6.51 -6.91
C ILE C 166 3.63 5.87 -6.18
N TYR C 167 4.56 5.30 -6.95
CA TYR C 167 5.76 4.63 -6.44
C TYR C 167 6.96 5.38 -6.96
N MET C 168 7.90 5.67 -6.09
CA MET C 168 9.07 6.42 -6.43
C MET C 168 10.31 5.64 -6.07
N ILE C 169 11.05 5.29 -7.11
CA ILE C 169 12.26 4.53 -6.94
C ILE C 169 13.42 5.46 -7.25
N CYS C 170 14.35 5.57 -6.31
CA CYS C 170 15.49 6.43 -6.47
C CYS C 170 16.77 5.63 -6.25
N PHE C 171 17.71 5.73 -7.18
CA PHE C 171 18.98 5.03 -7.07
C PHE C 171 20.10 6.03 -6.87
N ARG C 172 21.07 5.68 -6.01
CA ARG C 172 22.22 6.53 -5.73
C ARG C 172 22.94 6.74 -7.05
N ASN C 173 23.24 7.99 -7.37
CA ASN C 173 23.87 8.33 -8.64
C ASN C 173 25.14 7.62 -9.06
N ASP C 174 25.99 7.29 -8.09
CA ASP C 174 27.24 6.60 -8.41
C ASP C 174 27.05 5.17 -8.92
N LEU C 175 25.84 4.62 -8.78
CA LEU C 175 25.58 3.27 -9.21
C LEU C 175 25.32 3.18 -10.70
N ASN C 176 25.10 4.32 -11.32
CA ASN C 176 24.82 4.41 -12.75
C ASN C 176 23.75 3.41 -13.23
N ILE C 177 22.65 3.33 -12.49
CA ILE C 177 21.55 2.44 -12.84
C ILE C 177 20.75 3.11 -13.94
N GLN C 178 20.88 2.58 -15.15
CA GLN C 178 20.18 3.14 -16.31
C GLN C 178 19.06 2.23 -16.81
N ASN C 179 18.91 1.04 -16.25
CA ASN C 179 17.90 0.11 -16.76
C ASN C 179 16.68 -0.18 -15.89
N PHE C 180 16.37 0.72 -14.96
CA PHE C 180 15.24 0.48 -14.10
C PHE C 180 13.95 0.66 -14.85
N GLN C 181 13.04 -0.27 -14.61
CA GLN C 181 11.75 -0.22 -15.24
C GLN C 181 10.66 -0.71 -14.35
N PHE C 182 9.55 0.01 -14.39
CA PHE C 182 8.39 -0.36 -13.63
C PHE C 182 7.81 -1.59 -14.30
N PRO C 183 7.31 -2.58 -13.54
CA PRO C 183 6.74 -3.79 -14.12
C PRO C 183 5.63 -3.56 -15.14
N LYS C 184 5.57 -4.44 -16.15
CA LYS C 184 4.55 -4.32 -17.18
C LYS C 184 3.23 -4.93 -16.69
N PRO C 185 2.11 -4.26 -16.96
CA PRO C 185 0.84 -4.81 -16.52
C PRO C 185 0.43 -6.06 -17.29
N PHE C 186 -0.41 -6.87 -16.67
CA PHE C 186 -0.91 -8.11 -17.26
C PHE C 186 -2.39 -8.30 -16.90
N GLU C 187 -3.06 -9.24 -17.57
CA GLU C 187 -4.47 -9.54 -17.36
C GLU C 187 -4.83 -9.95 -15.94
N LEU C 188 -6.02 -9.54 -15.51
CA LEU C 188 -6.48 -9.88 -14.17
C LEU C 188 -7.21 -11.22 -14.28
N ASN C 189 -6.86 -12.17 -13.43
CA ASN C 189 -7.52 -13.46 -13.44
C ASN C 189 -8.15 -13.75 -12.10
N THR C 190 -8.35 -12.71 -11.29
CA THR C 190 -8.91 -12.87 -9.96
C THR C 190 -9.88 -11.74 -9.70
N PHE C 191 -10.98 -12.04 -9.03
CA PHE C 191 -11.96 -11.02 -8.73
C PHE C 191 -12.38 -11.09 -7.27
N VAL C 192 -13.14 -10.09 -6.85
CA VAL C 192 -13.58 -10.03 -5.47
C VAL C 192 -14.17 -11.37 -5.04
N LYS C 193 -15.06 -11.93 -5.87
CA LYS C 193 -15.73 -13.21 -5.57
C LYS C 193 -14.77 -14.36 -5.24
N ASP C 194 -13.57 -14.32 -5.82
CA ASP C 194 -12.59 -15.36 -5.58
C ASP C 194 -11.84 -15.26 -4.25
N LEU C 195 -11.90 -14.10 -3.60
CA LEU C 195 -11.18 -13.89 -2.35
C LEU C 195 -12.06 -13.94 -1.10
N LEU C 196 -13.39 -13.96 -1.29
CA LEU C 196 -14.33 -14.01 -0.18
C LEU C 196 -14.24 -15.25 0.73
N LEU C 197 -14.63 -15.07 1.98
CA LEU C 197 -14.63 -16.14 2.98
C LEU C 197 -16.00 -16.83 2.86
N PRO C 198 -16.13 -18.06 3.37
CA PRO C 198 -17.43 -18.73 3.27
C PRO C 198 -18.48 -17.92 4.04
N ASP C 199 -19.71 -17.92 3.54
CA ASP C 199 -20.82 -17.20 4.16
C ASP C 199 -20.97 -17.40 5.67
N SER C 200 -20.72 -18.61 6.15
CA SER C 200 -20.85 -18.91 7.58
C SER C 200 -20.00 -17.96 8.42
N GLU C 201 -18.77 -17.73 7.97
CA GLU C 201 -17.83 -16.86 8.68
C GLU C 201 -18.09 -15.33 8.61
N VAL C 202 -19.09 -14.90 7.84
CA VAL C 202 -19.32 -13.47 7.69
C VAL C 202 -20.74 -12.92 7.82
N GLU C 203 -21.64 -13.65 8.48
CA GLU C 203 -23.03 -13.21 8.64
C GLU C 203 -23.21 -11.91 9.41
N HIS C 204 -22.35 -11.70 10.40
CA HIS C 204 -22.42 -10.50 11.22
C HIS C 204 -22.18 -9.20 10.47
N LEU C 205 -21.63 -9.31 9.26
CA LEU C 205 -21.31 -8.12 8.47
C LEU C 205 -22.44 -7.65 7.57
N VAL C 206 -23.47 -8.47 7.50
CA VAL C 206 -24.62 -8.17 6.66
C VAL C 206 -25.51 -7.06 7.23
N ILE C 207 -25.68 -6.00 6.46
CA ILE C 207 -26.50 -4.89 6.88
C ILE C 207 -27.69 -4.86 5.95
N ASP C 208 -28.88 -4.90 6.54
CA ASP C 208 -30.12 -4.83 5.77
C ASP C 208 -30.73 -3.44 6.00
N ARG C 209 -30.50 -2.56 5.03
CA ARG C 209 -31.01 -1.20 5.10
C ARG C 209 -32.25 -1.12 4.23
N LYS C 210 -33.26 -0.37 4.65
CA LYS C 210 -34.45 -0.27 3.81
C LYS C 210 -34.28 0.78 2.70
N ASP C 211 -33.16 1.48 2.69
CA ASP C 211 -32.94 2.50 1.67
C ASP C 211 -31.99 2.11 0.52
N LEU C 212 -31.82 0.81 0.31
CA LEU C 212 -30.96 0.32 -0.77
C LEU C 212 -31.60 0.67 -2.11
N VAL C 213 -30.81 1.30 -2.96
CA VAL C 213 -31.26 1.75 -4.28
C VAL C 213 -30.47 1.01 -5.36
N MET C 214 -31.08 0.02 -6.01
CA MET C 214 -30.43 -0.74 -7.08
C MET C 214 -30.18 0.02 -8.38
N THR C 215 -29.04 0.70 -8.44
CA THR C 215 -28.69 1.49 -9.60
C THR C 215 -28.36 0.70 -10.87
N ASN C 216 -27.88 -0.53 -10.72
CA ASN C 216 -27.51 -1.38 -11.87
C ASN C 216 -27.69 -2.86 -11.57
N GLN C 217 -27.98 -3.65 -12.59
CA GLN C 217 -28.18 -5.09 -12.41
C GLN C 217 -26.84 -5.81 -12.27
N GLU C 218 -26.83 -6.87 -11.50
CA GLU C 218 -25.62 -7.66 -11.30
C GLU C 218 -25.10 -8.11 -12.67
N ILE C 219 -23.82 -8.39 -12.77
CA ILE C 219 -23.25 -8.84 -14.04
C ILE C 219 -22.92 -10.32 -14.02
N GLU C 220 -23.06 -10.97 -15.18
CA GLU C 220 -22.79 -12.39 -15.35
C GLU C 220 -21.34 -12.71 -15.67
N GLN C 221 -20.63 -11.76 -16.26
CA GLN C 221 -19.22 -12.00 -16.60
C GLN C 221 -18.26 -11.16 -15.75
N THR C 222 -17.19 -11.79 -15.28
CA THR C 222 -16.20 -11.09 -14.48
C THR C 222 -15.53 -9.99 -15.28
N THR C 223 -15.29 -8.85 -14.66
CA THR C 223 -14.67 -7.72 -15.33
C THR C 223 -13.68 -7.02 -14.38
N PRO C 224 -12.54 -6.55 -14.91
CA PRO C 224 -11.49 -5.85 -14.14
C PRO C 224 -11.83 -4.37 -13.97
N LYS C 225 -12.90 -4.10 -13.23
CA LYS C 225 -13.36 -2.74 -13.05
C LYS C 225 -14.32 -2.76 -11.88
N THR C 226 -14.59 -1.60 -11.28
CA THR C 226 -15.51 -1.55 -10.15
C THR C 226 -16.92 -1.28 -10.66
N VAL C 227 -17.75 -2.29 -10.54
CA VAL C 227 -19.14 -2.19 -10.99
C VAL C 227 -20.04 -1.89 -9.80
N ARG C 228 -20.58 -0.69 -9.74
CA ARG C 228 -21.48 -0.31 -8.66
C ARG C 228 -22.88 -0.87 -8.90
N LEU C 229 -23.37 -1.71 -7.99
CA LEU C 229 -24.71 -2.28 -8.15
C LEU C 229 -25.77 -1.43 -7.46
N GLY C 230 -25.34 -0.55 -6.56
CA GLY C 230 -26.32 0.28 -5.88
C GLY C 230 -25.79 1.09 -4.72
N ILE C 231 -26.61 2.02 -4.24
CA ILE C 231 -26.22 2.83 -3.12
C ILE C 231 -27.14 2.63 -1.93
N VAL C 232 -26.79 3.32 -0.86
CA VAL C 232 -27.52 3.32 0.39
C VAL C 232 -27.34 4.77 0.83
N GLY C 233 -28.35 5.32 1.50
CA GLY C 233 -28.26 6.69 1.95
C GLY C 233 -28.08 7.57 0.72
N LYS C 234 -27.14 8.50 0.78
CA LYS C 234 -26.86 9.41 -0.33
C LYS C 234 -25.77 8.88 -1.30
N GLY C 235 -25.31 7.65 -1.07
CA GLY C 235 -24.28 7.10 -1.93
C GLY C 235 -22.93 7.78 -1.83
N GLY C 236 -22.58 8.24 -0.64
CA GLY C 236 -21.29 8.86 -0.45
C GLY C 236 -20.31 7.76 -0.08
N GLN C 237 -19.11 8.13 0.36
CA GLN C 237 -18.10 7.14 0.72
C GLN C 237 -18.67 6.22 1.79
N GLY C 238 -18.45 4.91 1.64
CA GLY C 238 -18.96 3.95 2.62
C GLY C 238 -20.42 3.60 2.39
N GLU C 239 -21.02 4.17 1.35
CA GLU C 239 -22.44 3.95 1.08
C GLU C 239 -22.74 3.39 -0.31
N ARG C 240 -21.72 2.81 -0.94
CA ARG C 240 -21.87 2.30 -2.28
C ARG C 240 -21.67 0.79 -2.27
N ILE C 241 -22.47 0.08 -3.06
CA ILE C 241 -22.39 -1.38 -3.13
C ILE C 241 -21.90 -1.79 -4.52
N TYR C 242 -20.95 -2.73 -4.57
CA TYR C 242 -20.36 -3.16 -5.82
C TYR C 242 -20.49 -4.65 -6.09
N SER C 243 -20.30 -5.05 -7.34
CA SER C 243 -20.39 -6.46 -7.71
C SER C 243 -19.12 -7.21 -7.33
N THR C 244 -19.27 -8.44 -6.89
CA THR C 244 -18.11 -9.24 -6.55
C THR C 244 -17.50 -9.82 -7.82
N ARG C 245 -18.17 -9.64 -8.97
CA ARG C 245 -17.66 -10.15 -10.26
C ARG C 245 -16.67 -9.12 -10.83
N GLY C 246 -16.63 -7.96 -10.17
CA GLY C 246 -15.69 -6.90 -10.54
C GLY C 246 -14.53 -6.89 -9.54
N ILE C 247 -14.06 -5.69 -9.22
CA ILE C 247 -12.94 -5.58 -8.30
C ILE C 247 -13.29 -4.67 -7.13
N ALA C 248 -12.46 -4.71 -6.09
CA ALA C 248 -12.64 -3.92 -4.88
C ALA C 248 -12.23 -2.47 -5.03
N ILE C 249 -12.97 -1.60 -4.37
CA ILE C 249 -12.62 -0.20 -4.38
C ILE C 249 -11.46 -0.04 -3.38
N THR C 250 -10.85 1.14 -3.38
CA THR C 250 -9.73 1.41 -2.50
C THR C 250 -10.09 1.33 -1.01
N LEU C 251 -9.34 0.51 -0.27
CA LEU C 251 -9.55 0.38 1.17
C LEU C 251 -9.00 1.64 1.80
N SER C 252 -9.66 2.15 2.84
CA SER C 252 -9.20 3.37 3.50
C SER C 252 -9.03 3.22 5.02
N ALA C 253 -8.19 4.08 5.59
CA ALA C 253 -7.87 4.00 6.99
C ALA C 253 -8.82 4.63 8.00
N TYR C 254 -9.37 5.80 7.66
CA TYR C 254 -10.29 6.54 8.54
C TYR C 254 -11.57 6.76 7.77
N GLY C 255 -11.89 5.82 6.91
CA GLY C 255 -13.08 5.95 6.11
C GLY C 255 -14.34 5.82 6.92
N GLY C 256 -15.39 6.51 6.46
CA GLY C 256 -16.66 6.48 7.14
C GLY C 256 -17.73 5.78 6.33
N GLY C 257 -19.00 6.05 6.64
CA GLY C 257 -20.08 5.40 5.94
C GLY C 257 -20.47 4.06 6.55
N ILE C 258 -21.66 3.58 6.21
CA ILE C 258 -22.12 2.32 6.76
C ILE C 258 -21.22 1.13 6.42
N PHE C 259 -20.54 1.21 5.28
CA PHE C 259 -19.62 0.15 4.87
C PHE C 259 -18.21 0.70 4.97
N ALA C 260 -17.94 1.40 6.07
CA ALA C 260 -16.67 2.05 6.29
C ALA C 260 -15.40 1.27 5.97
N LYS C 261 -14.47 1.95 5.31
CA LYS C 261 -13.16 1.40 4.99
C LYS C 261 -13.04 0.28 3.98
N THR C 262 -14.14 -0.34 3.59
CA THR C 262 -14.04 -1.43 2.63
C THR C 262 -15.06 -1.30 1.48
N GLY C 263 -16.22 -0.71 1.76
CA GLY C 263 -17.29 -0.56 0.77
C GLY C 263 -18.26 -1.73 0.85
N GLY C 264 -19.43 -1.63 0.23
CA GLY C 264 -20.39 -2.73 0.26
C GLY C 264 -20.30 -3.66 -0.94
N TYR C 265 -20.68 -4.93 -0.76
CA TYR C 265 -20.66 -5.90 -1.86
C TYR C 265 -21.88 -6.78 -1.84
N LEU C 266 -22.47 -6.98 -3.01
CA LEU C 266 -23.63 -7.83 -3.14
C LEU C 266 -23.10 -9.27 -3.16
N VAL C 267 -23.32 -9.99 -2.08
CA VAL C 267 -22.86 -11.36 -1.95
C VAL C 267 -23.98 -12.41 -1.78
N ASN C 268 -24.09 -13.31 -2.74
CA ASN C 268 -25.10 -14.38 -2.74
C ASN C 268 -26.50 -13.85 -2.40
N GLY C 269 -26.81 -12.65 -2.89
CA GLY C 269 -28.10 -12.03 -2.63
C GLY C 269 -28.15 -11.03 -1.48
N LYS C 270 -27.09 -10.98 -0.68
CA LYS C 270 -27.00 -10.08 0.46
C LYS C 270 -26.04 -8.90 0.30
N THR C 271 -26.10 -7.94 1.20
CA THR C 271 -25.25 -6.75 1.17
C THR C 271 -24.35 -6.60 2.40
N ARG C 272 -23.03 -6.72 2.21
CA ARG C 272 -22.13 -6.59 3.34
C ARG C 272 -20.76 -5.98 3.04
N LYS C 273 -20.07 -5.58 4.10
CA LYS C 273 -18.74 -5.05 3.96
C LYS C 273 -17.75 -6.21 4.05
N LEU C 274 -16.48 -5.95 3.76
CA LEU C 274 -15.47 -6.99 3.81
C LEU C 274 -15.08 -7.28 5.25
N HIS C 275 -14.58 -8.48 5.46
CA HIS C 275 -14.10 -8.97 6.76
C HIS C 275 -12.57 -8.70 6.71
N PRO C 276 -11.95 -8.44 7.87
CA PRO C 276 -10.50 -8.17 7.87
C PRO C 276 -9.64 -9.15 7.05
N ARG C 277 -10.01 -10.41 7.00
CA ARG C 277 -9.23 -11.39 6.23
C ARG C 277 -9.36 -11.13 4.76
N GLU C 278 -10.56 -10.69 4.36
CA GLU C 278 -10.84 -10.37 2.97
C GLU C 278 -10.07 -9.11 2.57
N CYS C 279 -9.94 -8.17 3.51
CA CYS C 279 -9.13 -6.97 3.29
C CYS C 279 -7.66 -7.40 3.14
N ALA C 280 -7.22 -8.36 3.96
CA ALA C 280 -5.86 -8.86 3.91
C ALA C 280 -5.64 -9.36 2.51
N ARG C 281 -6.57 -10.19 2.05
CA ARG C 281 -6.48 -10.75 0.72
C ARG C 281 -6.50 -9.69 -0.39
N VAL C 282 -7.42 -8.73 -0.29
CA VAL C 282 -7.51 -7.67 -1.28
C VAL C 282 -6.23 -6.79 -1.30
N MET C 283 -5.37 -6.92 -0.28
CA MET C 283 -4.11 -6.16 -0.21
C MET C 283 -2.97 -7.09 -0.53
N GLY C 284 -3.30 -8.32 -0.91
CA GLY C 284 -2.29 -9.29 -1.28
C GLY C 284 -1.56 -9.94 -0.12
N TYR C 285 -2.09 -9.78 1.09
CA TYR C 285 -1.46 -10.39 2.25
C TYR C 285 -1.77 -11.88 2.29
N PRO C 286 -0.77 -12.72 2.61
CA PRO C 286 -1.02 -14.17 2.67
C PRO C 286 -1.94 -14.51 3.84
N ASP C 287 -2.59 -15.66 3.77
CA ASP C 287 -3.50 -16.02 4.82
C ASP C 287 -2.81 -16.31 6.12
N SER C 288 -1.49 -16.47 6.04
CA SER C 288 -0.71 -16.75 7.22
C SER C 288 -0.40 -15.53 8.09
N TYR C 289 -0.72 -14.34 7.56
CA TYR C 289 -0.44 -13.11 8.27
C TYR C 289 -1.52 -12.94 9.34
N LYS C 290 -1.10 -12.82 10.59
CA LYS C 290 -2.04 -12.67 11.70
C LYS C 290 -2.52 -11.23 11.78
N VAL C 291 -3.82 -11.04 11.57
CA VAL C 291 -4.37 -9.69 11.62
C VAL C 291 -4.52 -9.30 13.09
N HIS C 292 -4.57 -8.00 13.33
CA HIS C 292 -4.70 -7.52 14.67
C HIS C 292 -6.06 -7.96 15.18
N PRO C 293 -6.13 -8.35 16.46
CA PRO C 293 -7.40 -8.78 17.04
C PRO C 293 -8.55 -7.76 17.02
N SER C 294 -8.24 -6.48 17.14
CA SER C 294 -9.30 -5.45 17.09
C SER C 294 -9.73 -5.20 15.64
N THR C 295 -10.98 -5.54 15.31
CA THR C 295 -11.43 -5.33 13.93
C THR C 295 -11.27 -3.90 13.44
N SER C 296 -11.62 -2.94 14.27
CA SER C 296 -11.50 -1.54 13.88
C SER C 296 -10.06 -1.16 13.57
N GLN C 297 -9.14 -1.73 14.33
CA GLN C 297 -7.72 -1.45 14.14
C GLN C 297 -7.17 -2.17 12.92
N ALA C 298 -7.71 -3.34 12.64
CA ALA C 298 -7.29 -4.11 11.49
C ALA C 298 -7.79 -3.41 10.19
N TYR C 299 -9.02 -2.87 10.23
CA TYR C 299 -9.59 -2.18 9.07
C TYR C 299 -8.73 -0.98 8.75
N LYS C 300 -8.34 -0.25 9.78
CA LYS C 300 -7.51 0.92 9.64
C LYS C 300 -6.15 0.55 9.07
N GLN C 301 -5.53 -0.48 9.61
CA GLN C 301 -4.21 -0.91 9.17
C GLN C 301 -4.17 -1.29 7.71
N PHE C 302 -5.14 -2.10 7.29
CA PHE C 302 -5.19 -2.54 5.91
C PHE C 302 -5.51 -1.38 4.95
N GLY C 303 -6.28 -0.40 5.41
CA GLY C 303 -6.65 0.74 4.58
C GLY C 303 -5.50 1.69 4.34
N ASN C 304 -4.53 1.64 5.23
CA ASN C 304 -3.34 2.47 5.14
C ASN C 304 -2.23 1.75 4.41
N SER C 305 -2.36 0.44 4.25
CA SER C 305 -1.29 -0.35 3.68
C SER C 305 -1.04 -0.36 2.19
N VAL C 306 -0.18 -1.28 1.78
CA VAL C 306 0.19 -1.45 0.39
C VAL C 306 -0.20 -2.83 -0.13
N VAL C 307 -0.29 -2.93 -1.45
CA VAL C 307 -0.59 -4.20 -2.13
C VAL C 307 0.77 -4.89 -2.30
N ILE C 308 0.94 -6.05 -1.66
CA ILE C 308 2.21 -6.77 -1.68
C ILE C 308 2.71 -7.11 -3.06
N ASN C 309 1.81 -7.65 -3.88
CA ASN C 309 2.15 -8.08 -5.23
C ASN C 309 2.83 -6.98 -6.03
N VAL C 310 2.33 -5.76 -5.95
CA VAL C 310 2.91 -4.65 -6.70
C VAL C 310 4.32 -4.35 -6.20
N LEU C 311 4.48 -4.38 -4.89
CA LEU C 311 5.77 -4.11 -4.29
C LEU C 311 6.76 -5.21 -4.62
N GLN C 312 6.28 -6.44 -4.71
CA GLN C 312 7.16 -7.58 -5.02
C GLN C 312 7.72 -7.43 -6.43
N TYR C 313 6.87 -7.03 -7.39
CA TYR C 313 7.29 -6.83 -8.77
C TYR C 313 8.29 -5.69 -8.86
N ILE C 314 8.00 -4.58 -8.19
CA ILE C 314 8.90 -3.44 -8.22
C ILE C 314 10.21 -3.82 -7.52
N ALA C 315 10.10 -4.40 -6.35
CA ALA C 315 11.28 -4.80 -5.58
C ALA C 315 12.19 -5.72 -6.40
N TYR C 316 11.58 -6.60 -7.18
CA TYR C 316 12.31 -7.53 -8.03
C TYR C 316 13.04 -6.76 -9.13
N ASN C 317 12.37 -5.78 -9.73
CA ASN C 317 12.95 -4.96 -10.78
C ASN C 317 14.07 -4.05 -10.25
N ILE C 318 14.01 -3.67 -8.97
CA ILE C 318 15.06 -2.84 -8.35
C ILE C 318 16.28 -3.75 -8.27
N GLY C 319 16.07 -4.96 -7.75
CA GLY C 319 17.14 -5.94 -7.65
C GLY C 319 17.73 -6.29 -9.01
N SER C 320 16.90 -6.45 -10.04
CA SER C 320 17.41 -6.75 -11.38
C SER C 320 18.35 -5.64 -11.85
N SER C 321 17.97 -4.40 -11.62
CA SER C 321 18.77 -3.25 -12.02
C SER C 321 20.10 -3.20 -11.28
N LEU C 322 20.07 -3.53 -9.99
CA LEU C 322 21.29 -3.52 -9.17
C LEU C 322 22.29 -4.65 -9.53
N ASN C 323 21.77 -5.79 -9.97
CA ASN C 323 22.61 -6.95 -10.31
C ASN C 323 23.31 -6.93 -11.67
N PHE C 324 22.85 -6.06 -12.56
CA PHE C 324 23.42 -5.93 -13.90
C PHE C 324 24.66 -5.05 -13.79
N LYS C 325 25.79 -5.69 -13.54
CA LYS C 325 27.07 -5.01 -13.40
C LYS C 325 28.10 -5.66 -14.30
N PRO C 326 27.94 -5.52 -15.63
CA PRO C 326 28.89 -6.12 -16.57
C PRO C 326 30.26 -5.44 -16.55
N TYR C 327 31.27 -6.16 -17.03
CA TYR C 327 32.61 -5.63 -17.12
C TYR C 327 32.69 -4.68 -18.30
#